data_3A76
#
_entry.id   3A76
#
_cell.length_a   68.921
_cell.length_b   68.921
_cell.length_c   101.892
_cell.angle_alpha   90.00
_cell.angle_beta   90.00
_cell.angle_gamma   90.00
#
_symmetry.space_group_name_H-M   'P 41'
#
loop_
_entity.id
_entity.type
_entity.pdbx_description
1 polymer 'Gamma-hexachlorocyclohexane dehydrochlorinase'
2 non-polymer SPERMIDINE
3 non-polymer GLYCEROL
4 water water
#
_entity_poly.entity_id   1
_entity_poly.type   'polypeptide(L)'
_entity_poly.pdbx_seq_one_letter_code
;MGSSHHHHHHSSGLVPRGSHMSDLDRLASRAAIQDLYSDKLIAVDKRQEGRLASIWWDDAEWTIEGIGTYKGPEGALDLA
NNVLWPMFHECIHYGTNLRLEFVSADKVNGIGDVLLLGNLVEGNQSILIAAVFTDEYERRDGVWKFSKRNACTNYFTPLA
GIHFAPPGIHFAPSGA
;
_entity_poly.pdbx_strand_id   A,B,C
#
loop_
_chem_comp.id
_chem_comp.type
_chem_comp.name
_chem_comp.formula
GOL non-polymer GLYCEROL 'C3 H8 O3'
SPD non-polymer SPERMIDINE 'C7 H19 N3'
#
# COMPACT_ATOMS: atom_id res chain seq x y z
N MET A 21 1.91 8.09 29.00
CA MET A 21 1.10 9.15 28.34
C MET A 21 -0.10 8.59 27.58
N SER A 22 -0.90 9.51 27.03
CA SER A 22 -2.04 9.16 26.20
C SER A 22 -1.60 8.92 24.75
N ASP A 23 -0.36 9.27 24.43
CA ASP A 23 0.23 8.99 23.12
C ASP A 23 0.51 7.50 22.92
N LEU A 24 1.00 6.84 23.96
CA LEU A 24 1.26 5.40 23.91
C LEU A 24 -0.03 4.63 23.62
N ASP A 25 -1.12 5.06 24.25
CA ASP A 25 -2.44 4.46 24.01
C ASP A 25 -2.87 4.65 22.56
N ARG A 26 -2.62 5.85 22.03
CA ARG A 26 -3.02 6.25 20.68
C ARG A 26 -2.20 5.53 19.62
N LEU A 27 -0.92 5.27 19.92
CA LEU A 27 -0.08 4.47 19.05
C LEU A 27 -0.45 2.99 19.10
N ALA A 28 -0.80 2.50 20.29
CA ALA A 28 -1.31 1.14 20.43
C ALA A 28 -2.67 0.96 19.72
N SER A 29 -3.46 2.03 19.69
CA SER A 29 -4.76 2.04 19.04
C SER A 29 -4.65 2.04 17.51
N ARG A 30 -3.75 2.87 16.97
CA ARG A 30 -3.43 2.92 15.54
C ARG A 30 -3.00 1.57 14.99
N ALA A 31 -2.14 0.88 15.76
CA ALA A 31 -1.58 -0.40 15.36
C ALA A 31 -2.70 -1.43 15.29
N ALA A 32 -3.54 -1.43 16.34
CA ALA A 32 -4.71 -2.30 16.46
C ALA A 32 -5.72 -2.12 15.32
N ILE A 33 -5.93 -0.86 14.92
CA ILE A 33 -6.87 -0.51 13.86
C ILE A 33 -6.29 -0.81 12.46
N GLN A 34 -4.98 -0.71 12.32
CA GLN A 34 -4.32 -1.08 11.08
C GLN A 34 -4.42 -2.59 10.87
N ASP A 35 -4.41 -3.34 11.97
CA ASP A 35 -4.60 -4.79 11.95
C ASP A 35 -6.02 -5.23 11.59
N LEU A 36 -7.02 -4.48 12.05
CA LEU A 36 -8.43 -4.73 11.66
C LEU A 36 -8.64 -4.46 10.19
N TYR A 37 -8.00 -3.41 9.69
CA TYR A 37 -8.05 -3.03 8.28
C TYR A 37 -7.42 -4.11 7.40
N SER A 38 -6.26 -4.60 7.82
CA SER A 38 -5.55 -5.64 7.09
C SER A 38 -6.25 -6.99 7.18
N ASP A 39 -6.69 -7.35 8.39
CA ASP A 39 -7.42 -8.62 8.63
C ASP A 39 -8.64 -8.77 7.73
N LYS A 40 -9.35 -7.69 7.50
CA LYS A 40 -10.56 -7.75 6.71
C LYS A 40 -10.21 -8.20 5.30
N LEU A 41 -9.15 -7.60 4.74
CA LEU A 41 -8.64 -7.89 3.41
C LEU A 41 -8.06 -9.31 3.31
N ILE A 42 -7.23 -9.67 4.27
CA ILE A 42 -6.63 -10.99 4.36
C ILE A 42 -7.72 -12.07 4.47
N ALA A 43 -8.65 -11.90 5.41
CA ALA A 43 -9.73 -12.89 5.60
C ALA A 43 -10.51 -13.16 4.31
N VAL A 44 -10.90 -12.12 3.59
CA VAL A 44 -11.61 -12.26 2.31
C VAL A 44 -10.75 -12.95 1.23
N ASP A 45 -9.48 -12.55 1.11
CA ASP A 45 -8.62 -13.07 0.05
C ASP A 45 -8.23 -14.52 0.30
N LYS A 46 -7.93 -14.82 1.56
CA LYS A 46 -7.45 -16.14 1.97
C LYS A 46 -8.60 -17.06 2.41
N ARG A 47 -9.81 -16.50 2.43
CA ARG A 47 -11.04 -17.21 2.83
C ARG A 47 -11.00 -17.80 4.24
N GLN A 48 -10.75 -16.91 5.19
CA GLN A 48 -10.61 -17.27 6.57
C GLN A 48 -11.81 -16.72 7.34
N GLU A 49 -12.75 -17.60 7.67
CA GLU A 49 -14.02 -17.18 8.30
C GLU A 49 -13.82 -16.57 9.66
N GLY A 50 -12.99 -17.22 10.48
CA GLY A 50 -12.71 -16.80 11.87
C GLY A 50 -12.06 -15.44 11.93
N ARG A 51 -10.99 -15.26 11.16
CA ARG A 51 -10.38 -13.94 11.00
C ARG A 51 -11.42 -12.85 10.62
N LEU A 52 -12.27 -13.12 9.62
CA LEU A 52 -13.33 -12.20 9.16
C LEU A 52 -14.38 -11.91 10.22
N ALA A 53 -14.78 -12.94 10.94
CA ALA A 53 -15.81 -12.81 11.95
C ALA A 53 -15.35 -11.99 13.15
N SER A 54 -14.09 -12.15 13.52
CA SER A 54 -13.51 -11.48 14.70
C SER A 54 -13.35 -9.94 14.63
N ILE A 55 -13.59 -9.30 13.49
CA ILE A 55 -13.25 -7.87 13.38
C ILE A 55 -14.46 -6.94 13.60
N TRP A 56 -15.64 -7.54 13.77
CA TRP A 56 -16.88 -6.78 13.80
C TRP A 56 -17.57 -6.86 15.15
N TRP A 57 -18.05 -5.72 15.63
CA TRP A 57 -19.02 -5.69 16.73
C TRP A 57 -20.32 -6.32 16.27
N ASP A 58 -21.14 -6.77 17.22
CA ASP A 58 -22.43 -7.42 16.93
C ASP A 58 -23.35 -6.48 16.17
N ASP A 59 -23.31 -5.20 16.54
CA ASP A 59 -24.16 -4.18 15.94
C ASP A 59 -23.51 -3.46 14.74
N ALA A 60 -22.31 -3.90 14.34
CA ALA A 60 -21.54 -3.27 13.25
C ALA A 60 -22.21 -3.46 11.91
N GLU A 61 -22.12 -2.45 11.05
CA GLU A 61 -22.75 -2.51 9.74
C GLU A 61 -21.72 -2.34 8.62
N TRP A 62 -21.59 -3.38 7.82
CA TRP A 62 -20.73 -3.42 6.66
C TRP A 62 -21.58 -3.29 5.43
N THR A 63 -21.35 -2.24 4.68
CA THR A 63 -22.12 -1.94 3.49
C THR A 63 -21.19 -1.99 2.31
N ILE A 64 -21.60 -2.68 1.25
CA ILE A 64 -20.93 -2.56 -0.03
C ILE A 64 -21.96 -1.96 -0.93
N GLU A 65 -21.68 -0.78 -1.48
CA GLU A 65 -22.62 -0.09 -2.34
C GLU A 65 -22.89 -0.96 -3.53
N GLY A 66 -24.16 -1.09 -3.90
CA GLY A 66 -24.59 -1.94 -5.02
C GLY A 66 -24.85 -3.39 -4.63
N ILE A 67 -24.65 -3.71 -3.34
CA ILE A 67 -24.81 -5.06 -2.85
C ILE A 67 -25.68 -5.09 -1.59
N GLY A 68 -25.34 -4.26 -0.62
CA GLY A 68 -26.17 -4.16 0.58
C GLY A 68 -25.44 -3.95 1.88
N THR A 69 -26.24 -3.89 2.95
CA THR A 69 -25.76 -3.72 4.32
C THR A 69 -25.97 -5.00 5.11
N TYR A 70 -24.93 -5.39 5.85
CA TYR A 70 -24.87 -6.65 6.59
C TYR A 70 -24.41 -6.34 8.00
N LYS A 71 -24.98 -7.05 8.98
CA LYS A 71 -24.81 -6.69 10.38
C LYS A 71 -24.05 -7.73 11.18
N GLY A 72 -22.97 -7.26 11.83
CA GLY A 72 -22.16 -8.09 12.70
C GLY A 72 -21.43 -9.22 12.01
N PRO A 73 -20.72 -10.04 12.80
CA PRO A 73 -19.97 -11.23 12.35
C PRO A 73 -20.78 -12.17 11.46
N GLU A 74 -22.05 -12.40 11.79
CA GLU A 74 -22.91 -13.28 10.97
C GLU A 74 -23.19 -12.65 9.63
N GLY A 75 -23.50 -11.36 9.64
CA GLY A 75 -23.69 -10.60 8.39
C GLY A 75 -22.46 -10.68 7.51
N ALA A 76 -21.30 -10.42 8.11
CA ALA A 76 -19.98 -10.51 7.44
C ALA A 76 -19.76 -11.88 6.77
N LEU A 77 -20.10 -12.94 7.49
CA LEU A 77 -20.04 -14.31 6.97
C LEU A 77 -21.06 -14.61 5.88
N ASP A 78 -22.27 -14.05 6.02
CA ASP A 78 -23.30 -14.10 4.98
C ASP A 78 -22.76 -13.49 3.69
N LEU A 79 -22.37 -12.22 3.72
CA LEU A 79 -21.80 -11.55 2.55
C LEU A 79 -20.65 -12.35 1.92
N ALA A 80 -19.70 -12.81 2.73
CA ALA A 80 -18.56 -13.56 2.22
C ALA A 80 -18.95 -14.85 1.52
N ASN A 81 -19.69 -15.69 2.23
CA ASN A 81 -20.05 -17.00 1.73
C ASN A 81 -21.01 -16.95 0.56
N ASN A 82 -21.97 -16.05 0.64
CA ASN A 82 -23.08 -16.03 -0.30
C ASN A 82 -22.88 -15.10 -1.52
N VAL A 83 -21.92 -14.17 -1.42
CA VAL A 83 -21.70 -13.19 -2.51
C VAL A 83 -20.23 -13.15 -2.94
N LEU A 84 -19.37 -12.72 -2.03
CA LEU A 84 -17.97 -12.40 -2.34
C LEU A 84 -17.18 -13.61 -2.83
N TRP A 85 -17.25 -14.68 -2.04
CA TRP A 85 -16.51 -15.89 -2.39
C TRP A 85 -17.02 -16.61 -3.67
N PRO A 86 -18.35 -16.79 -3.85
CA PRO A 86 -18.86 -17.31 -5.13
C PRO A 86 -18.60 -16.42 -6.35
N MET A 87 -18.42 -15.12 -6.13
CA MET A 87 -18.17 -14.14 -7.19
C MET A 87 -16.78 -14.28 -7.83
N PHE A 88 -15.81 -14.77 -7.06
CA PHE A 88 -14.41 -14.80 -7.48
C PHE A 88 -13.82 -16.21 -7.40
N HIS A 89 -13.11 -16.64 -8.44
CA HIS A 89 -12.24 -17.81 -8.35
C HIS A 89 -11.21 -17.55 -7.27
N GLU A 90 -10.47 -16.45 -7.43
CA GLU A 90 -9.62 -15.84 -6.40
C GLU A 90 -9.44 -14.32 -6.60
N CYS A 91 -9.03 -13.65 -5.53
CA CYS A 91 -8.74 -12.22 -5.62
C CYS A 91 -7.66 -11.83 -4.62
N ILE A 92 -7.10 -10.63 -4.82
CA ILE A 92 -6.24 -10.01 -3.84
C ILE A 92 -6.59 -8.52 -3.68
N HIS A 93 -6.82 -8.09 -2.45
CA HIS A 93 -7.04 -6.66 -2.14
C HIS A 93 -5.72 -6.09 -1.63
N TYR A 94 -5.29 -4.98 -2.20
CA TYR A 94 -4.12 -4.25 -1.71
C TYR A 94 -4.62 -3.02 -0.99
N GLY A 95 -4.50 -3.02 0.33
CA GLY A 95 -4.97 -1.92 1.16
C GLY A 95 -3.91 -0.86 1.39
N THR A 96 -4.25 0.39 1.09
CA THR A 96 -3.32 1.50 1.34
C THR A 96 -4.03 2.76 1.84
N ASN A 97 -3.23 3.74 2.26
CA ASN A 97 -3.68 5.10 2.50
C ASN A 97 -4.62 5.21 3.68
N LEU A 98 -4.46 4.31 4.63
CA LEU A 98 -5.31 4.28 5.79
C LEU A 98 -5.00 5.53 6.58
N ARG A 99 -6.04 6.33 6.77
CA ARG A 99 -5.95 7.60 7.45
C ARG A 99 -7.05 7.65 8.53
N LEU A 100 -6.60 7.70 9.79
CA LEU A 100 -7.50 7.75 10.94
C LEU A 100 -7.67 9.16 11.51
N GLU A 101 -8.89 9.50 11.90
CA GLU A 101 -9.08 10.61 12.85
C GLU A 101 -9.71 10.12 14.16
N PHE A 102 -8.99 10.35 15.25
CA PHE A 102 -9.52 10.06 16.57
C PHE A 102 -10.51 11.13 17.03
N VAL A 103 -11.80 10.82 16.90
CA VAL A 103 -12.86 11.58 17.55
C VAL A 103 -12.67 11.58 19.07
N SER A 104 -12.47 10.40 19.65
CA SER A 104 -12.04 10.33 21.05
C SER A 104 -10.95 9.28 21.15
N ALA A 105 -10.56 8.97 22.38
CA ALA A 105 -9.64 7.88 22.65
C ALA A 105 -10.20 6.54 22.17
N ASP A 106 -11.55 6.46 22.09
CA ASP A 106 -12.24 5.19 21.86
C ASP A 106 -13.08 5.11 20.59
N LYS A 107 -13.15 6.19 19.83
CA LYS A 107 -13.77 6.10 18.51
C LYS A 107 -13.03 6.86 17.43
N VAL A 108 -12.87 6.17 16.31
CA VAL A 108 -12.09 6.66 15.18
C VAL A 108 -12.87 6.59 13.88
N ASN A 109 -12.79 7.66 13.10
CA ASN A 109 -13.25 7.61 11.72
C ASN A 109 -12.05 7.29 10.86
N GLY A 110 -12.23 6.31 9.98
CA GLY A 110 -11.18 5.89 9.06
C GLY A 110 -11.56 6.08 7.62
N ILE A 111 -10.58 6.46 6.82
CA ILE A 111 -10.71 6.32 5.38
C ILE A 111 -9.56 5.47 4.85
N GLY A 112 -9.83 4.76 3.75
CA GLY A 112 -8.82 3.88 3.17
C GLY A 112 -9.11 3.62 1.71
N ASP A 113 -8.07 3.23 0.99
CA ASP A 113 -8.15 2.91 -0.44
C ASP A 113 -7.70 1.46 -0.66
N VAL A 114 -8.31 0.79 -1.64
CA VAL A 114 -7.98 -0.61 -1.94
C VAL A 114 -7.86 -0.74 -3.45
N LEU A 115 -6.87 -1.52 -3.89
CA LEU A 115 -6.79 -2.03 -5.24
C LEU A 115 -7.04 -3.55 -5.21
N LEU A 116 -8.07 -3.99 -5.93
CA LEU A 116 -8.49 -5.39 -5.94
C LEU A 116 -8.19 -5.98 -7.31
N LEU A 117 -7.43 -7.07 -7.32
CA LEU A 117 -7.17 -7.83 -8.56
C LEU A 117 -7.80 -9.19 -8.43
N GLY A 118 -8.47 -9.66 -9.48
CA GLY A 118 -9.02 -11.01 -9.42
C GLY A 118 -9.65 -11.56 -10.67
N ASN A 119 -10.16 -12.78 -10.54
CA ASN A 119 -10.88 -13.48 -11.60
C ASN A 119 -12.32 -13.74 -11.20
N LEU A 120 -13.24 -13.14 -11.96
CA LEU A 120 -14.67 -13.34 -11.75
C LEU A 120 -15.07 -14.72 -12.24
N VAL A 121 -15.80 -15.46 -11.42
CA VAL A 121 -16.27 -16.80 -11.81
C VAL A 121 -17.07 -16.69 -13.13
N GLU A 122 -17.94 -15.68 -13.17
CA GLU A 122 -18.73 -15.31 -14.33
C GLU A 122 -17.85 -14.74 -15.47
N GLY A 123 -17.82 -15.43 -16.61
CA GLY A 123 -16.99 -15.01 -17.73
C GLY A 123 -15.54 -15.42 -17.52
N ASN A 124 -15.22 -15.84 -16.29
CA ASN A 124 -13.86 -16.23 -15.91
C ASN A 124 -12.90 -15.08 -16.24
N GLN A 125 -13.36 -13.87 -15.89
CA GLN A 125 -12.81 -12.61 -16.40
C GLN A 125 -11.95 -11.93 -15.32
N SER A 126 -10.68 -11.70 -15.66
CA SER A 126 -9.79 -10.87 -14.84
C SER A 126 -10.35 -9.44 -14.76
N ILE A 127 -10.53 -8.93 -13.54
CA ILE A 127 -10.88 -7.52 -13.32
C ILE A 127 -9.89 -6.77 -12.43
N LEU A 128 -9.91 -5.45 -12.55
CA LEU A 128 -9.24 -4.60 -11.60
C LEU A 128 -10.32 -3.80 -10.91
N ILE A 129 -10.29 -3.75 -9.58
CA ILE A 129 -11.25 -2.92 -8.86
C ILE A 129 -10.52 -1.87 -8.03
N ALA A 130 -11.01 -0.65 -8.06
CA ALA A 130 -10.55 0.41 -7.18
C ALA A 130 -11.74 0.86 -6.33
N ALA A 131 -11.53 0.86 -5.02
CA ALA A 131 -12.61 1.13 -4.07
C ALA A 131 -12.11 1.96 -2.89
N VAL A 132 -13.05 2.69 -2.29
CA VAL A 132 -12.82 3.56 -1.15
C VAL A 132 -13.59 2.99 0.04
N PHE A 133 -12.93 2.93 1.16
CA PHE A 133 -13.53 2.50 2.41
C PHE A 133 -13.74 3.72 3.29
N THR A 134 -14.94 3.82 3.86
CA THR A 134 -15.25 4.83 4.86
C THR A 134 -15.65 4.06 6.11
N ASP A 135 -14.81 4.13 7.14
CA ASP A 135 -14.96 3.26 8.32
C ASP A 135 -15.15 4.01 9.64
N GLU A 136 -15.63 3.27 10.63
CA GLU A 136 -15.72 3.73 11.99
C GLU A 136 -15.33 2.55 12.84
N TYR A 137 -14.48 2.82 13.84
CA TYR A 137 -14.02 1.81 14.78
C TYR A 137 -14.38 2.27 16.19
N GLU A 138 -14.47 1.31 17.09
CA GLU A 138 -14.85 1.59 18.47
C GLU A 138 -14.09 0.67 19.39
N ARG A 139 -13.48 1.23 20.44
CA ARG A 139 -12.94 0.42 21.52
C ARG A 139 -13.99 0.16 22.60
N ARG A 140 -14.13 -1.10 22.96
CA ARG A 140 -15.08 -1.51 23.99
C ARG A 140 -14.39 -2.45 24.96
N ASP A 141 -14.26 -2.00 26.20
CA ASP A 141 -13.56 -2.75 27.24
C ASP A 141 -12.16 -3.17 26.78
N GLY A 142 -11.44 -2.21 26.18
CA GLY A 142 -10.05 -2.39 25.76
C GLY A 142 -9.81 -3.04 24.40
N VAL A 143 -10.87 -3.27 23.63
CA VAL A 143 -10.77 -3.97 22.34
C VAL A 143 -11.40 -3.21 21.18
N TRP A 144 -10.58 -3.00 20.14
CA TRP A 144 -11.02 -2.38 18.91
C TRP A 144 -11.63 -3.37 17.98
N LYS A 145 -12.81 -3.04 17.45
CA LYS A 145 -13.35 -3.71 16.28
C LYS A 145 -14.00 -2.67 15.37
N PHE A 146 -14.33 -3.07 14.15
CA PHE A 146 -15.08 -2.21 13.25
C PHE A 146 -16.47 -1.98 13.83
N SER A 147 -16.91 -0.72 13.76
CA SER A 147 -18.29 -0.40 14.10
C SER A 147 -19.09 -0.13 12.82
N LYS A 148 -18.40 0.24 11.75
CA LYS A 148 -19.05 0.51 10.46
C LYS A 148 -18.03 0.45 9.35
N ARG A 149 -18.46 0.00 8.18
CA ARG A 149 -17.65 0.12 6.98
C ARG A 149 -18.60 0.38 5.83
N ASN A 150 -18.29 1.39 5.05
CA ASN A 150 -18.91 1.58 3.75
C ASN A 150 -17.86 1.38 2.68
N ALA A 151 -18.18 0.58 1.68
CA ALA A 151 -17.30 0.36 0.54
C ALA A 151 -17.93 0.84 -0.77
N CYS A 152 -17.27 1.81 -1.40
CA CYS A 152 -17.72 2.41 -2.65
C CYS A 152 -16.75 2.05 -3.78
N THR A 153 -17.30 1.49 -4.85
CA THR A 153 -16.50 0.97 -5.97
C THR A 153 -16.41 2.03 -7.07
N ASN A 154 -15.22 2.59 -7.27
CA ASN A 154 -15.04 3.66 -8.24
C ASN A 154 -14.64 3.16 -9.62
N TYR A 155 -13.75 2.18 -9.64
CA TYR A 155 -13.38 1.49 -10.86
C TYR A 155 -13.74 0.00 -10.71
N PHE A 156 -14.34 -0.54 -11.76
CA PHE A 156 -14.64 -1.96 -11.91
C PHE A 156 -14.33 -2.28 -13.37
N THR A 157 -13.15 -2.85 -13.62
CA THR A 157 -12.60 -2.87 -14.97
C THR A 157 -12.19 -4.26 -15.43
N PRO A 158 -12.93 -4.84 -16.39
CA PRO A 158 -12.53 -6.10 -16.99
C PRO A 158 -11.30 -5.86 -17.84
N LEU A 159 -10.25 -6.63 -17.60
CA LEU A 159 -8.99 -6.38 -18.29
C LEU A 159 -8.99 -7.03 -19.67
N ALA A 160 -9.31 -6.19 -20.67
CA ALA A 160 -9.47 -6.58 -22.07
C ALA A 160 -9.04 -8.01 -22.40
N GLY A 161 -7.75 -8.20 -22.68
CA GLY A 161 -7.26 -9.48 -23.19
C GLY A 161 -6.13 -10.08 -22.38
N ILE A 162 -6.07 -9.70 -21.12
CA ILE A 162 -5.12 -10.26 -20.18
C ILE A 162 -5.88 -11.16 -19.18
N HIS A 163 -5.24 -12.24 -18.75
CA HIS A 163 -5.85 -13.14 -17.79
C HIS A 163 -4.86 -13.49 -16.70
N PHE A 164 -5.18 -13.09 -15.49
CA PHE A 164 -4.33 -13.36 -14.34
C PHE A 164 -4.30 -14.86 -14.08
N ALA A 165 -3.09 -15.38 -13.91
CA ALA A 165 -2.88 -16.81 -13.73
C ALA A 165 -1.56 -17.06 -13.02
N PRO A 166 -1.45 -18.17 -12.28
CA PRO A 166 -0.19 -18.54 -11.63
C PRO A 166 0.97 -18.78 -12.62
N PRO A 167 2.23 -18.80 -12.13
CA PRO A 167 3.41 -19.06 -12.96
C PRO A 167 3.59 -20.52 -13.44
N MET B 21 10.87 9.07 26.82
CA MET B 21 11.76 8.51 25.76
C MET B 21 11.57 9.18 24.42
N SER B 22 12.67 9.31 23.68
CA SER B 22 12.64 9.73 22.28
C SER B 22 12.26 8.52 21.42
N ASP B 23 12.04 7.39 22.08
CA ASP B 23 11.52 6.20 21.42
C ASP B 23 10.04 6.39 21.11
N LEU B 24 9.26 6.82 22.10
CA LEU B 24 7.88 7.23 21.88
C LEU B 24 7.79 8.40 20.90
N ASP B 25 8.65 9.40 21.09
CA ASP B 25 8.74 10.57 20.22
C ASP B 25 9.01 10.19 18.76
N ARG B 26 9.85 9.17 18.57
CA ARG B 26 10.18 8.63 17.24
C ARG B 26 8.95 7.93 16.62
N LEU B 27 8.30 7.09 17.42
CA LEU B 27 7.08 6.40 17.02
C LEU B 27 5.96 7.38 16.68
N ALA B 28 5.73 8.36 17.56
CA ALA B 28 4.71 9.38 17.34
C ALA B 28 4.98 10.26 16.11
N SER B 29 6.26 10.45 15.78
CA SER B 29 6.64 11.26 14.63
C SER B 29 6.49 10.50 13.33
N ARG B 30 6.84 9.21 13.36
CA ARG B 30 6.58 8.28 12.26
C ARG B 30 5.10 8.30 11.86
N ALA B 31 4.21 8.22 12.85
CA ALA B 31 2.75 8.24 12.63
C ALA B 31 2.25 9.52 11.93
N ALA B 32 2.66 10.67 12.46
CA ALA B 32 2.31 11.95 11.85
C ALA B 32 2.84 12.11 10.42
N ILE B 33 4.03 11.59 10.17
CA ILE B 33 4.62 11.69 8.84
C ILE B 33 3.91 10.76 7.86
N GLN B 34 3.57 9.55 8.33
CA GLN B 34 2.72 8.60 7.59
C GLN B 34 1.42 9.28 7.17
N ASP B 35 0.78 9.96 8.13
CA ASP B 35 -0.43 10.76 7.88
C ASP B 35 -0.23 11.90 6.91
N LEU B 36 0.94 12.53 6.97
CA LEU B 36 1.30 13.53 5.96
C LEU B 36 1.35 12.90 4.58
N TYR B 37 2.05 11.77 4.48
CA TYR B 37 2.23 11.03 3.25
C TYR B 37 0.87 10.61 2.64
N SER B 38 0.00 10.01 3.44
CA SER B 38 -1.35 9.66 2.97
C SER B 38 -2.19 10.89 2.58
N ASP B 39 -2.30 11.87 3.49
CA ASP B 39 -3.05 13.14 3.23
C ASP B 39 -2.77 13.76 1.89
N LYS B 40 -1.50 13.75 1.48
CA LYS B 40 -1.18 14.39 0.22
C LYS B 40 -1.95 13.69 -0.88
N LEU B 41 -1.89 12.36 -0.88
CA LEU B 41 -2.54 11.54 -1.89
C LEU B 41 -4.07 11.69 -1.86
N ILE B 42 -4.65 11.57 -0.67
CA ILE B 42 -6.10 11.71 -0.47
C ILE B 42 -6.59 13.07 -0.97
N ALA B 43 -5.84 14.13 -0.62
CA ALA B 43 -6.26 15.49 -0.95
C ALA B 43 -6.25 15.69 -2.44
N VAL B 44 -5.29 15.09 -3.12
CA VAL B 44 -5.23 15.18 -4.57
C VAL B 44 -6.37 14.39 -5.24
N ASP B 45 -6.60 13.17 -4.72
CA ASP B 45 -7.52 12.21 -5.32
C ASP B 45 -8.96 12.59 -5.01
N LYS B 46 -9.20 12.98 -3.76
CA LYS B 46 -10.53 13.39 -3.31
C LYS B 46 -10.81 14.89 -3.52
N ARG B 47 -9.82 15.61 -4.04
CA ARG B 47 -9.93 17.04 -4.42
C ARG B 47 -10.31 17.90 -3.24
N GLN B 48 -9.51 17.76 -2.18
CA GLN B 48 -9.75 18.39 -0.91
C GLN B 48 -8.69 19.46 -0.70
N GLU B 49 -9.11 20.71 -0.92
CA GLU B 49 -8.23 21.86 -0.93
C GLU B 49 -7.66 22.15 0.43
N GLY B 50 -8.51 22.02 1.44
CA GLY B 50 -8.11 22.25 2.83
C GLY B 50 -7.14 21.23 3.39
N ARG B 51 -7.26 19.97 2.97
CA ARG B 51 -6.30 18.95 3.40
C ARG B 51 -4.98 19.12 2.62
N LEU B 52 -5.08 19.46 1.33
CA LEU B 52 -3.90 19.65 0.51
C LEU B 52 -3.00 20.74 1.06
N ALA B 53 -3.59 21.88 1.40
CA ALA B 53 -2.88 23.07 1.86
C ALA B 53 -2.25 22.92 3.24
N SER B 54 -2.87 22.09 4.09
CA SER B 54 -2.52 21.96 5.50
C SER B 54 -1.19 21.25 5.80
N ILE B 55 -0.58 20.64 4.78
CA ILE B 55 0.54 19.71 4.96
C ILE B 55 1.91 20.30 4.61
N TRP B 56 1.92 21.53 4.08
CA TRP B 56 3.14 22.20 3.64
C TRP B 56 3.46 23.40 4.50
N TRP B 57 4.76 23.60 4.77
CA TRP B 57 5.26 24.85 5.34
C TRP B 57 5.24 25.92 4.25
N ASP B 58 5.26 27.20 4.63
CA ASP B 58 5.31 28.28 3.63
C ASP B 58 6.49 28.15 2.66
N ASP B 59 7.63 27.71 3.19
CA ASP B 59 8.85 27.54 2.41
C ASP B 59 9.01 26.15 1.80
N ALA B 60 8.06 25.24 2.07
CA ALA B 60 8.10 23.88 1.52
C ALA B 60 8.02 23.92 0.01
N GLU B 61 8.67 22.96 -0.65
CA GLU B 61 8.79 22.96 -2.12
C GLU B 61 8.41 21.63 -2.77
N TRP B 62 7.34 21.69 -3.56
CA TRP B 62 6.76 20.51 -4.21
C TRP B 62 7.12 20.51 -5.69
N THR B 63 7.94 19.54 -6.08
CA THR B 63 8.35 19.39 -7.46
C THR B 63 7.79 18.10 -8.03
N ILE B 64 7.30 18.18 -9.26
CA ILE B 64 6.98 17.02 -10.06
C ILE B 64 7.78 17.17 -11.34
N GLU B 65 8.71 16.25 -11.57
CA GLU B 65 9.51 16.27 -12.77
C GLU B 65 8.62 16.26 -14.01
N GLY B 66 8.90 17.16 -14.94
CA GLY B 66 8.10 17.29 -16.16
C GLY B 66 6.88 18.17 -15.98
N ILE B 67 6.66 18.64 -14.75
CA ILE B 67 5.50 19.48 -14.41
C ILE B 67 5.91 20.82 -13.78
N GLY B 68 6.89 20.78 -12.88
CA GLY B 68 7.39 22.01 -12.30
C GLY B 68 7.50 21.96 -10.81
N THR B 69 7.96 23.07 -10.23
CA THR B 69 8.18 23.21 -8.80
C THR B 69 7.26 24.28 -8.28
N TYR B 70 6.60 23.99 -7.16
CA TYR B 70 5.61 24.87 -6.56
C TYR B 70 5.96 25.03 -5.09
N LYS B 71 5.63 26.17 -4.51
CA LYS B 71 6.09 26.48 -3.16
C LYS B 71 4.95 26.82 -2.23
N GLY B 72 5.05 26.36 -0.98
CA GLY B 72 4.04 26.57 0.05
C GLY B 72 2.66 25.99 -0.25
N PRO B 73 1.72 26.14 0.70
CA PRO B 73 0.32 25.73 0.47
C PRO B 73 -0.32 26.34 -0.79
N GLU B 74 -0.11 27.65 -1.02
CA GLU B 74 -0.68 28.33 -2.19
C GLU B 74 -0.13 27.73 -3.48
N GLY B 75 1.15 27.38 -3.47
CA GLY B 75 1.79 26.70 -4.59
C GLY B 75 1.14 25.36 -4.87
N ALA B 76 0.90 24.61 -3.80
CA ALA B 76 0.18 23.33 -3.83
C ALA B 76 -1.24 23.47 -4.46
N LEU B 77 -2.02 24.43 -3.96
CA LEU B 77 -3.34 24.73 -4.51
C LEU B 77 -3.29 25.20 -5.96
N ASP B 78 -2.23 25.94 -6.27
CA ASP B 78 -1.97 26.41 -7.62
C ASP B 78 -1.78 25.22 -8.60
N LEU B 79 -0.89 24.30 -8.23
CA LEU B 79 -0.67 23.05 -9.00
C LEU B 79 -1.95 22.18 -9.12
N ALA B 80 -2.59 21.88 -7.99
CA ALA B 80 -3.83 21.13 -7.97
C ALA B 80 -4.88 21.73 -8.90
N ASN B 81 -5.31 22.96 -8.63
CA ASN B 81 -6.38 23.62 -9.39
C ASN B 81 -6.11 23.86 -10.85
N ASN B 82 -4.85 24.12 -11.21
CA ASN B 82 -4.54 24.56 -12.58
C ASN B 82 -3.90 23.50 -13.45
N VAL B 83 -3.39 22.44 -12.81
CA VAL B 83 -2.70 21.36 -13.53
C VAL B 83 -3.31 19.98 -13.20
N LEU B 84 -3.23 19.55 -11.94
CA LEU B 84 -3.59 18.17 -11.59
C LEU B 84 -5.07 17.87 -11.81
N TRP B 85 -5.93 18.66 -11.18
CA TRP B 85 -7.36 18.44 -11.30
C TRP B 85 -7.87 18.58 -12.73
N PRO B 86 -7.51 19.67 -13.45
CA PRO B 86 -7.91 19.73 -14.86
C PRO B 86 -7.36 18.61 -15.77
N MET B 87 -6.22 18.01 -15.39
CA MET B 87 -5.58 16.95 -16.18
C MET B 87 -6.37 15.63 -16.24
N PHE B 88 -7.06 15.31 -15.15
CA PHE B 88 -7.74 14.02 -14.97
C PHE B 88 -9.23 14.21 -14.72
N HIS B 89 -10.04 13.28 -15.22
CA HIS B 89 -11.44 13.24 -14.76
C HIS B 89 -11.49 12.81 -13.31
N GLU B 90 -10.79 11.71 -13.04
CA GLU B 90 -10.40 11.34 -11.69
C GLU B 90 -9.11 10.54 -11.73
N CYS B 91 -8.53 10.35 -10.55
CA CYS B 91 -7.35 9.52 -10.43
C CYS B 91 -7.34 8.96 -9.03
N ILE B 92 -6.51 7.94 -8.82
CA ILE B 92 -6.29 7.43 -7.48
C ILE B 92 -4.81 7.07 -7.27
N HIS B 93 -4.23 7.58 -6.18
CA HIS B 93 -2.84 7.29 -5.76
C HIS B 93 -2.78 6.21 -4.67
N TYR B 94 -2.08 5.11 -4.96
CA TYR B 94 -1.78 4.10 -3.93
C TYR B 94 -0.34 4.23 -3.45
N GLY B 95 -0.16 4.84 -2.28
CA GLY B 95 1.11 5.02 -1.63
C GLY B 95 1.51 3.90 -0.69
N THR B 96 2.71 3.38 -0.93
CA THR B 96 3.27 2.24 -0.23
C THR B 96 4.76 2.50 0.04
N ASN B 97 5.37 1.63 0.85
CA ASN B 97 6.83 1.55 1.06
C ASN B 97 7.51 2.78 1.66
N LEU B 98 6.75 3.57 2.41
CA LEU B 98 7.26 4.77 3.06
C LEU B 98 8.41 4.35 3.97
N ARG B 99 9.60 4.86 3.70
CA ARG B 99 10.76 4.50 4.48
C ARG B 99 11.42 5.77 4.98
N LEU B 100 11.54 5.89 6.30
CA LEU B 100 12.05 7.11 6.91
C LEU B 100 13.48 6.98 7.46
N GLU B 101 14.24 8.07 7.31
CA GLU B 101 15.56 8.20 7.92
C GLU B 101 15.56 9.49 8.74
N PHE B 102 15.62 9.35 10.07
CA PHE B 102 15.69 10.50 10.95
C PHE B 102 17.09 11.13 10.93
N VAL B 103 17.21 12.28 10.27
CA VAL B 103 18.45 13.06 10.26
C VAL B 103 18.67 13.62 11.67
N SER B 104 17.64 14.28 12.18
CA SER B 104 17.62 14.75 13.55
C SER B 104 16.20 14.58 14.08
N ALA B 105 15.99 14.88 15.36
CA ALA B 105 14.66 14.74 15.98
C ALA B 105 13.54 15.49 15.24
N ASP B 106 13.91 16.51 14.47
CA ASP B 106 12.93 17.37 13.80
C ASP B 106 13.14 17.38 12.29
N LYS B 107 14.03 16.53 11.80
CA LYS B 107 14.28 16.45 10.37
C LYS B 107 14.34 15.01 9.88
N VAL B 108 13.54 14.69 8.86
CA VAL B 108 13.57 13.34 8.29
C VAL B 108 13.57 13.36 6.78
N ASN B 109 14.33 12.43 6.20
CA ASN B 109 14.21 12.16 4.79
C ASN B 109 13.28 10.96 4.62
N GLY B 110 12.50 10.97 3.54
CA GLY B 110 11.62 9.86 3.26
C GLY B 110 11.73 9.47 1.82
N ILE B 111 11.63 8.17 1.56
CA ILE B 111 11.32 7.67 0.22
C ILE B 111 9.98 6.89 0.27
N GLY B 112 9.28 6.87 -0.85
CA GLY B 112 8.01 6.18 -0.96
C GLY B 112 7.74 5.86 -2.40
N ASP B 113 6.88 4.88 -2.62
CA ASP B 113 6.51 4.49 -3.97
C ASP B 113 5.01 4.73 -4.18
N VAL B 114 4.61 5.11 -5.37
CA VAL B 114 3.18 5.31 -5.60
C VAL B 114 2.76 4.64 -6.87
N LEU B 115 1.59 4.03 -6.83
CA LEU B 115 0.91 3.56 -8.03
C LEU B 115 -0.31 4.44 -8.23
N LEU B 116 -0.34 5.10 -9.39
CA LEU B 116 -1.45 5.96 -9.79
C LEU B 116 -2.22 5.38 -10.96
N LEU B 117 -3.53 5.24 -10.78
CA LEU B 117 -4.47 4.93 -11.87
C LEU B 117 -5.41 6.10 -12.06
N GLY B 118 -5.62 6.52 -13.31
CA GLY B 118 -6.51 7.64 -13.59
C GLY B 118 -7.05 7.70 -14.99
N ASN B 119 -7.99 8.62 -15.22
CA ASN B 119 -8.44 8.92 -16.57
C ASN B 119 -8.04 10.34 -16.94
N LEU B 120 -7.24 10.47 -17.99
CA LEU B 120 -6.86 11.79 -18.50
C LEU B 120 -8.02 12.44 -19.23
N VAL B 121 -8.31 13.70 -18.91
CA VAL B 121 -9.32 14.46 -19.65
C VAL B 121 -8.98 14.49 -21.15
N GLU B 122 -7.72 14.75 -21.45
CA GLU B 122 -7.22 14.74 -22.83
C GLU B 122 -7.30 13.31 -23.38
N GLY B 123 -8.33 13.06 -24.19
CA GLY B 123 -8.52 11.77 -24.84
C GLY B 123 -9.30 10.78 -24.01
N ASN B 124 -9.80 11.24 -22.86
CA ASN B 124 -10.49 10.36 -21.91
C ASN B 124 -9.75 9.02 -21.85
N GLN B 125 -8.46 9.12 -21.57
CA GLN B 125 -7.53 8.01 -21.65
C GLN B 125 -7.13 7.56 -20.24
N SER B 126 -7.23 6.25 -20.02
CA SER B 126 -6.85 5.63 -18.76
C SER B 126 -5.35 5.42 -18.70
N ILE B 127 -4.75 5.82 -17.57
CA ILE B 127 -3.30 5.66 -17.41
C ILE B 127 -2.90 4.98 -16.13
N LEU B 128 -1.75 4.32 -16.19
CA LEU B 128 -1.03 3.86 -15.02
C LEU B 128 0.31 4.64 -14.93
N ILE B 129 0.61 5.16 -13.74
CA ILE B 129 1.88 5.80 -13.46
C ILE B 129 2.52 5.14 -12.23
N ALA B 130 3.80 4.83 -12.33
CA ALA B 130 4.58 4.42 -11.17
C ALA B 130 5.61 5.51 -10.90
N ALA B 131 5.57 6.05 -9.68
CA ALA B 131 6.44 7.15 -9.33
C ALA B 131 7.12 6.96 -7.99
N VAL B 132 8.27 7.60 -7.83
CA VAL B 132 9.01 7.60 -6.58
C VAL B 132 8.90 8.99 -5.94
N PHE B 133 8.64 9.00 -4.64
CA PHE B 133 8.69 10.23 -3.85
C PHE B 133 9.99 10.32 -3.06
N THR B 134 10.68 11.46 -3.16
CA THR B 134 11.84 11.76 -2.34
C THR B 134 11.41 12.97 -1.53
N ASP B 135 11.32 12.77 -0.22
CA ASP B 135 10.69 13.74 0.65
C ASP B 135 11.60 14.19 1.77
N GLU B 136 11.34 15.39 2.26
CA GLU B 136 11.91 15.89 3.49
C GLU B 136 10.76 16.40 4.33
N TYR B 137 10.79 16.06 5.61
CA TYR B 137 9.80 16.53 6.58
C TYR B 137 10.46 17.35 7.69
N GLU B 138 9.73 18.35 8.17
CA GLU B 138 10.29 19.27 9.17
C GLU B 138 9.31 19.50 10.29
N ARG B 139 9.81 19.38 11.52
CA ARG B 139 9.01 19.61 12.71
C ARG B 139 9.31 21.01 13.27
N ARG B 140 8.29 21.86 13.29
CA ARG B 140 8.39 23.18 13.88
C ARG B 140 7.31 23.33 14.95
N ASP B 141 7.73 23.38 16.20
CA ASP B 141 6.84 23.66 17.34
C ASP B 141 5.83 22.54 17.60
N GLY B 142 6.34 21.31 17.48
CA GLY B 142 5.52 20.10 17.68
C GLY B 142 4.68 19.67 16.49
N VAL B 143 4.75 20.41 15.38
CA VAL B 143 3.94 20.11 14.18
C VAL B 143 4.80 19.70 12.98
N TRP B 144 4.56 18.50 12.46
CA TRP B 144 5.28 18.00 11.27
C TRP B 144 4.60 18.43 9.97
N LYS B 145 5.41 18.82 9.00
CA LYS B 145 4.91 19.09 7.67
C LYS B 145 5.97 18.77 6.63
N PHE B 146 5.56 18.70 5.36
CA PHE B 146 6.50 18.54 4.27
C PHE B 146 7.39 19.78 4.21
N SER B 147 8.69 19.53 4.09
CA SER B 147 9.64 20.59 3.75
C SER B 147 9.93 20.51 2.26
N LYS B 148 9.90 19.30 1.73
CA LYS B 148 10.15 19.09 0.31
C LYS B 148 9.47 17.81 -0.14
N ARG B 149 9.17 17.76 -1.44
CA ARG B 149 8.77 16.54 -2.10
C ARG B 149 9.27 16.61 -3.52
N ASN B 150 10.03 15.59 -3.94
CA ASN B 150 10.24 15.37 -5.37
C ASN B 150 9.49 14.11 -5.81
N ALA B 151 8.77 14.24 -6.92
CA ALA B 151 8.03 13.15 -7.50
C ALA B 151 8.67 12.88 -8.83
N CYS B 152 9.13 11.64 -9.00
CA CYS B 152 9.81 11.23 -10.20
C CYS B 152 9.03 10.06 -10.76
N THR B 153 8.57 10.17 -12.01
CA THR B 153 7.77 9.10 -12.60
C THR B 153 8.59 8.15 -13.46
N ASN B 154 8.59 6.88 -13.06
CA ASN B 154 9.30 5.84 -13.78
C ASN B 154 8.50 5.17 -14.90
N TYR B 155 7.22 4.86 -14.63
CA TYR B 155 6.30 4.39 -15.66
C TYR B 155 5.21 5.39 -15.92
N PHE B 156 4.84 5.54 -17.18
CA PHE B 156 3.74 6.38 -17.60
C PHE B 156 3.10 5.66 -18.78
N THR B 157 2.02 4.93 -18.51
CA THR B 157 1.45 4.04 -19.53
C THR B 157 -0.04 4.26 -19.79
N PRO B 158 -0.38 4.92 -20.93
CA PRO B 158 -1.76 4.89 -21.41
C PRO B 158 -2.17 3.45 -21.63
N LEU B 159 -3.41 3.12 -21.37
CA LEU B 159 -3.82 1.73 -21.41
C LEU B 159 -4.52 1.36 -22.70
N ALA B 160 -4.36 0.10 -23.11
CA ALA B 160 -4.80 -0.41 -24.42
C ALA B 160 -6.30 -0.20 -24.71
N GLY B 161 -7.05 -1.28 -24.80
CA GLY B 161 -8.50 -1.20 -24.95
C GLY B 161 -9.11 -1.18 -23.56
N ILE B 162 -8.39 -0.60 -22.60
CA ILE B 162 -8.81 -0.57 -21.22
C ILE B 162 -9.23 0.84 -20.85
N HIS B 163 -10.39 0.94 -20.20
CA HIS B 163 -10.88 2.19 -19.66
C HIS B 163 -11.47 1.98 -18.26
N PHE B 164 -10.85 2.61 -17.27
CA PHE B 164 -11.31 2.54 -15.89
C PHE B 164 -12.64 3.25 -15.78
N ALA B 165 -13.63 2.59 -15.17
CA ALA B 165 -15.00 3.13 -15.14
C ALA B 165 -15.78 2.52 -13.99
N PRO B 166 -16.81 3.24 -13.49
CA PRO B 166 -17.58 2.66 -12.40
C PRO B 166 -18.32 1.38 -12.85
N PRO B 167 -18.70 0.50 -11.90
CA PRO B 167 -19.26 -0.82 -12.21
C PRO B 167 -20.50 -0.83 -13.14
N GLY B 168 -21.28 0.24 -13.11
CA GLY B 168 -22.44 0.35 -13.99
C GLY B 168 -22.15 0.64 -15.46
N ILE B 169 -20.94 1.13 -15.79
CA ILE B 169 -20.55 1.35 -17.19
C ILE B 169 -20.29 0.02 -17.90
N HIS B 170 -20.07 -1.02 -17.11
CA HIS B 170 -20.30 -2.40 -17.53
C HIS B 170 -21.80 -2.51 -17.89
N PHE B 171 -22.21 -3.58 -18.56
CA PHE B 171 -23.56 -3.62 -19.20
C PHE B 171 -24.04 -2.29 -19.82
N ALA B 172 -23.10 -1.64 -20.53
CA ALA B 172 -23.37 -0.67 -21.59
C ALA B 172 -22.54 -1.19 -22.78
N PRO B 173 -22.92 -0.85 -24.03
CA PRO B 173 -22.20 -1.44 -25.16
C PRO B 173 -20.79 -0.86 -25.35
N MET C 21 3.53 0.72 29.20
CA MET C 21 4.28 -0.58 29.33
C MET C 21 5.13 -0.90 28.09
N SER C 22 5.91 -2.01 28.19
CA SER C 22 6.59 -2.62 27.01
C SER C 22 5.75 -2.72 25.71
N ASP C 23 4.52 -2.19 25.73
CA ASP C 23 3.79 -1.82 24.53
C ASP C 23 4.78 -1.09 23.63
N LEU C 24 5.43 -0.06 24.18
CA LEU C 24 6.50 0.70 23.52
C LEU C 24 7.49 -0.22 22.81
N ASP C 25 7.90 -1.30 23.49
CA ASP C 25 8.84 -2.28 22.94
C ASP C 25 8.23 -2.98 21.73
N ARG C 26 6.99 -3.43 21.88
CA ARG C 26 6.23 -4.08 20.80
C ARG C 26 5.97 -3.12 19.64
N LEU C 27 5.65 -1.87 19.96
CA LEU C 27 5.48 -0.79 19.00
C LEU C 27 6.78 -0.48 18.27
N ALA C 28 7.88 -0.37 19.00
CA ALA C 28 9.20 -0.18 18.40
C ALA C 28 9.59 -1.38 17.54
N SER C 29 9.29 -2.59 18.03
CA SER C 29 9.49 -3.82 17.25
C SER C 29 8.68 -3.82 15.95
N ARG C 30 7.41 -3.40 16.03
CA ARG C 30 6.54 -3.31 14.85
C ARG C 30 7.14 -2.38 13.81
N ALA C 31 7.61 -1.22 14.27
CA ALA C 31 8.23 -0.22 13.39
C ALA C 31 9.48 -0.74 12.66
N ALA C 32 10.36 -1.41 13.40
CA ALA C 32 11.61 -1.99 12.84
C ALA C 32 11.34 -3.12 11.83
N ILE C 33 10.36 -3.96 12.14
CA ILE C 33 9.94 -5.03 11.24
C ILE C 33 9.31 -4.46 9.96
N GLN C 34 8.57 -3.36 10.11
CA GLN C 34 7.98 -2.66 8.96
C GLN C 34 9.06 -2.14 8.00
N ASP C 35 10.13 -1.60 8.57
CA ASP C 35 11.30 -1.15 7.78
C ASP C 35 11.97 -2.32 7.08
N LEU C 36 12.17 -3.43 7.81
CA LEU C 36 12.67 -4.66 7.21
C LEU C 36 11.83 -5.04 5.99
N TYR C 37 10.52 -5.10 6.20
CA TYR C 37 9.55 -5.39 5.15
C TYR C 37 9.75 -4.48 3.91
N SER C 38 9.81 -3.16 4.12
CA SER C 38 10.01 -2.21 3.01
C SER C 38 11.43 -2.18 2.41
N ASP C 39 12.45 -2.43 3.23
CA ASP C 39 13.84 -2.48 2.73
C ASP C 39 14.09 -3.61 1.77
N LYS C 40 13.56 -4.80 2.07
CA LYS C 40 13.73 -5.92 1.15
C LYS C 40 13.33 -5.47 -0.26
N LEU C 41 12.19 -4.78 -0.33
CA LEU C 41 11.59 -4.35 -1.58
C LEU C 41 12.36 -3.21 -2.24
N ILE C 42 12.67 -2.16 -1.47
CA ILE C 42 13.44 -0.99 -1.93
C ILE C 42 14.81 -1.41 -2.48
N ALA C 43 15.55 -2.19 -1.69
CA ALA C 43 16.84 -2.80 -2.09
C ALA C 43 16.78 -3.49 -3.45
N VAL C 44 15.84 -4.43 -3.62
CA VAL C 44 15.67 -5.13 -4.91
C VAL C 44 15.32 -4.17 -6.07
N ASP C 45 14.40 -3.25 -5.82
CA ASP C 45 13.90 -2.34 -6.87
C ASP C 45 14.91 -1.29 -7.29
N LYS C 46 15.53 -0.68 -6.28
CA LYS C 46 16.48 0.41 -6.47
C LYS C 46 17.88 -0.14 -6.70
N ARG C 47 18.03 -1.46 -6.52
CA ARG C 47 19.27 -2.22 -6.71
C ARG C 47 20.34 -1.78 -5.72
N GLN C 48 20.06 -2.06 -4.46
CA GLN C 48 20.89 -1.58 -3.37
C GLN C 48 21.36 -2.75 -2.53
N GLU C 49 22.59 -3.19 -2.83
CA GLU C 49 23.23 -4.34 -2.18
C GLU C 49 23.46 -4.09 -0.69
N GLY C 50 23.83 -2.86 -0.33
CA GLY C 50 24.01 -2.48 1.07
C GLY C 50 22.72 -2.60 1.88
N ARG C 51 21.59 -2.26 1.25
CA ARG C 51 20.28 -2.39 1.87
C ARG C 51 19.85 -3.86 1.90
N LEU C 52 20.00 -4.53 0.76
CA LEU C 52 19.62 -5.94 0.60
C LEU C 52 20.30 -6.88 1.59
N ALA C 53 21.61 -6.70 1.79
CA ALA C 53 22.40 -7.54 2.69
C ALA C 53 22.11 -7.30 4.18
N SER C 54 21.80 -6.06 4.53
CA SER C 54 21.66 -5.64 5.94
C SER C 54 20.43 -6.15 6.68
N ILE C 55 19.49 -6.78 5.96
CA ILE C 55 18.19 -7.13 6.55
C ILE C 55 18.04 -8.60 6.97
N TRP C 56 19.06 -9.41 6.65
CA TRP C 56 19.05 -10.84 6.95
C TRP C 56 20.03 -11.20 8.06
N TRP C 57 19.65 -12.19 8.87
CA TRP C 57 20.59 -12.86 9.77
C TRP C 57 21.44 -13.79 8.92
N ASP C 58 22.57 -14.22 9.48
CA ASP C 58 23.48 -15.12 8.80
C ASP C 58 22.88 -16.52 8.62
N ASP C 59 22.03 -16.94 9.56
CA ASP C 59 21.25 -18.18 9.38
C ASP C 59 19.87 -17.97 8.74
N ALA C 60 19.68 -16.84 8.05
CA ALA C 60 18.39 -16.52 7.42
C ALA C 60 18.16 -17.28 6.13
N GLU C 61 16.96 -17.84 6.00
CA GLU C 61 16.60 -18.57 4.79
C GLU C 61 15.54 -17.82 3.97
N TRP C 62 15.93 -17.35 2.78
CA TRP C 62 15.02 -16.66 1.87
C TRP C 62 14.69 -17.55 0.67
N THR C 63 13.43 -17.97 0.61
CA THR C 63 12.90 -18.86 -0.41
C THR C 63 11.89 -18.12 -1.29
N ILE C 64 12.03 -18.32 -2.60
CA ILE C 64 11.04 -17.90 -3.58
C ILE C 64 10.63 -19.17 -4.31
N GLU C 65 9.42 -19.66 -4.03
CA GLU C 65 8.90 -20.88 -4.66
C GLU C 65 9.04 -20.76 -6.17
N GLY C 66 9.52 -21.83 -6.79
CA GLY C 66 9.80 -21.80 -8.22
C GLY C 66 11.24 -21.43 -8.54
N ILE C 67 12.00 -20.97 -7.55
CA ILE C 67 13.42 -20.62 -7.74
C ILE C 67 14.36 -21.45 -6.82
N GLY C 68 14.45 -21.06 -5.55
CA GLY C 68 15.37 -21.71 -4.63
C GLY C 68 15.42 -21.10 -3.26
N THR C 69 16.28 -21.66 -2.40
CA THR C 69 16.42 -21.26 -1.01
C THR C 69 17.85 -20.79 -0.73
N TYR C 70 17.99 -19.48 -0.51
CA TYR C 70 19.28 -18.84 -0.31
C TYR C 70 19.42 -18.46 1.15
N LYS C 71 20.66 -18.45 1.64
CA LYS C 71 20.91 -18.25 3.07
C LYS C 71 21.75 -17.01 3.34
N GLY C 72 21.41 -16.31 4.42
CA GLY C 72 22.18 -15.15 4.90
C GLY C 72 22.29 -13.96 3.97
N PRO C 73 22.92 -12.86 4.45
CA PRO C 73 23.19 -11.66 3.66
C PRO C 73 23.89 -11.93 2.32
N GLU C 74 24.53 -13.08 2.19
CA GLU C 74 25.36 -13.35 1.01
C GLU C 74 24.63 -14.13 -0.06
N GLY C 75 23.82 -15.10 0.35
CA GLY C 75 22.92 -15.80 -0.56
C GLY C 75 21.80 -14.88 -1.03
N ALA C 76 21.42 -13.93 -0.19
CA ALA C 76 20.51 -12.86 -0.58
C ALA C 76 21.09 -12.05 -1.75
N LEU C 77 22.38 -11.67 -1.66
CA LEU C 77 23.08 -11.00 -2.77
C LEU C 77 23.24 -11.90 -3.99
N ASP C 78 23.40 -13.20 -3.73
CA ASP C 78 23.56 -14.18 -4.79
C ASP C 78 22.24 -14.29 -5.59
N LEU C 79 21.15 -14.42 -4.87
CA LEU C 79 19.82 -14.39 -5.49
C LEU C 79 19.58 -13.10 -6.30
N ALA C 80 19.90 -11.96 -5.70
CA ALA C 80 19.77 -10.68 -6.39
C ALA C 80 20.62 -10.58 -7.67
N ASN C 81 21.93 -10.72 -7.52
CA ASN C 81 22.87 -10.44 -8.61
C ASN C 81 22.78 -11.35 -9.81
N ASN C 82 22.39 -12.60 -9.56
CA ASN C 82 22.44 -13.66 -10.57
C ASN C 82 21.09 -14.17 -11.05
N VAL C 83 20.01 -13.74 -10.39
CA VAL C 83 18.65 -14.20 -10.74
C VAL C 83 17.66 -13.07 -11.06
N LEU C 84 17.36 -12.22 -10.08
CA LEU C 84 16.28 -11.22 -10.21
C LEU C 84 16.72 -9.97 -10.97
N TRP C 85 17.88 -9.44 -10.62
CA TRP C 85 18.43 -8.28 -11.35
C TRP C 85 18.69 -8.56 -12.85
N PRO C 86 19.36 -9.69 -13.21
CA PRO C 86 19.43 -10.05 -14.63
C PRO C 86 18.06 -10.36 -15.27
N MET C 87 17.08 -10.75 -14.47
CA MET C 87 15.73 -11.10 -14.97
C MET C 87 14.94 -9.88 -15.45
N PHE C 88 15.12 -8.73 -14.80
CA PHE C 88 14.37 -7.51 -15.09
C PHE C 88 15.26 -6.35 -15.56
N HIS C 89 14.83 -5.63 -16.58
CA HIS C 89 15.35 -4.29 -16.84
C HIS C 89 15.11 -3.38 -15.63
N GLU C 90 13.86 -3.38 -15.15
CA GLU C 90 13.44 -2.59 -13.99
C GLU C 90 12.25 -3.28 -13.38
N CYS C 91 12.04 -3.09 -12.09
CA CYS C 91 10.78 -3.51 -11.49
C CYS C 91 10.39 -2.64 -10.28
N ILE C 92 9.12 -2.72 -9.90
CA ILE C 92 8.63 -2.04 -8.69
C ILE C 92 7.75 -2.99 -7.88
N HIS C 93 8.09 -3.14 -6.61
CA HIS C 93 7.30 -3.92 -5.67
C HIS C 93 6.49 -3.00 -4.77
N TYR C 94 5.18 -3.12 -4.81
CA TYR C 94 4.30 -2.42 -3.86
C TYR C 94 3.87 -3.38 -2.76
N GLY C 95 4.39 -3.20 -1.54
CA GLY C 95 4.09 -4.09 -0.44
C GLY C 95 3.02 -3.52 0.48
N THR C 96 2.03 -4.35 0.81
CA THR C 96 0.86 -3.94 1.61
C THR C 96 0.46 -5.06 2.61
N ASN C 97 -0.57 -4.79 3.40
CA ASN C 97 -1.27 -5.79 4.22
C ASN C 97 -0.38 -6.59 5.17
N LEU C 98 0.72 -5.98 5.60
CA LEU C 98 1.64 -6.63 6.52
C LEU C 98 1.03 -6.84 7.90
N ARG C 99 0.82 -8.10 8.25
CA ARG C 99 0.18 -8.46 9.49
C ARG C 99 1.13 -9.32 10.32
N LEU C 100 1.31 -8.92 11.58
CA LEU C 100 2.29 -9.55 12.46
C LEU C 100 1.64 -10.20 13.65
N GLU C 101 2.15 -11.37 14.02
CA GLU C 101 1.85 -11.94 15.31
C GLU C 101 3.13 -12.26 16.05
N PHE C 102 3.18 -11.83 17.31
CA PHE C 102 4.34 -12.03 18.17
C PHE C 102 4.34 -13.43 18.80
N VAL C 103 5.35 -14.22 18.45
CA VAL C 103 5.53 -15.57 19.01
C VAL C 103 6.17 -15.47 20.39
N SER C 104 7.25 -14.70 20.46
CA SER C 104 7.81 -14.25 21.74
C SER C 104 7.96 -12.74 21.64
N ALA C 105 8.62 -12.14 22.63
CA ALA C 105 8.94 -10.72 22.58
C ALA C 105 10.14 -10.47 21.67
N ASP C 106 10.75 -11.56 21.19
CA ASP C 106 11.96 -11.48 20.38
C ASP C 106 11.84 -12.20 19.04
N LYS C 107 10.76 -12.95 18.85
CA LYS C 107 10.42 -13.47 17.50
C LYS C 107 8.96 -13.32 17.09
N VAL C 108 8.74 -12.93 15.84
CA VAL C 108 7.40 -12.71 15.31
C VAL C 108 7.22 -13.38 13.93
N ASN C 109 5.98 -13.78 13.66
CA ASN C 109 5.56 -14.24 12.33
C ASN C 109 4.89 -13.10 11.57
N GLY C 110 5.16 -13.02 10.27
CA GLY C 110 4.51 -12.03 9.40
C GLY C 110 3.91 -12.65 8.14
N ILE C 111 2.82 -12.06 7.68
CA ILE C 111 2.33 -12.26 6.30
C ILE C 111 2.19 -10.90 5.61
N GLY C 112 2.29 -10.91 4.29
CA GLY C 112 2.23 -9.67 3.53
C GLY C 112 1.83 -10.00 2.12
N ASP C 113 1.33 -8.99 1.42
CA ASP C 113 0.99 -9.13 0.01
C ASP C 113 1.84 -8.16 -0.78
N VAL C 114 2.11 -8.48 -2.04
CA VAL C 114 2.95 -7.60 -2.86
C VAL C 114 2.41 -7.57 -4.27
N LEU C 115 2.45 -6.39 -4.88
CA LEU C 115 2.12 -6.19 -6.28
C LEU C 115 3.39 -5.75 -6.99
N LEU C 116 3.85 -6.57 -7.93
CA LEU C 116 5.09 -6.31 -8.61
C LEU C 116 4.75 -6.00 -10.07
N LEU C 117 5.31 -4.91 -10.57
CA LEU C 117 5.17 -4.50 -11.97
C LEU C 117 6.58 -4.34 -12.50
N GLY C 118 6.81 -4.73 -13.75
CA GLY C 118 8.17 -4.80 -14.27
C GLY C 118 8.31 -5.20 -15.72
N ASN C 119 9.51 -4.99 -16.26
CA ASN C 119 9.82 -5.40 -17.62
C ASN C 119 10.84 -6.52 -17.64
N LEU C 120 10.42 -7.69 -18.08
CA LEU C 120 11.35 -8.83 -18.22
C LEU C 120 12.29 -8.57 -19.39
N VAL C 121 13.58 -8.87 -19.19
CA VAL C 121 14.58 -8.83 -20.25
C VAL C 121 14.14 -9.77 -21.37
N GLU C 122 13.89 -11.02 -20.98
CA GLU C 122 13.31 -12.01 -21.86
C GLU C 122 12.00 -11.51 -22.46
N GLY C 123 12.10 -11.06 -23.71
CA GLY C 123 10.96 -10.66 -24.51
C GLY C 123 10.61 -9.19 -24.42
N ASN C 124 11.42 -8.46 -23.65
CA ASN C 124 11.11 -7.10 -23.22
C ASN C 124 9.63 -6.96 -22.84
N GLN C 125 9.20 -7.84 -21.95
CA GLN C 125 7.77 -8.03 -21.67
C GLN C 125 7.34 -7.43 -20.34
N SER C 126 6.36 -6.53 -20.40
CA SER C 126 5.73 -5.96 -19.21
C SER C 126 4.89 -7.02 -18.51
N ILE C 127 5.17 -7.24 -17.23
CA ILE C 127 4.46 -8.26 -16.44
C ILE C 127 3.89 -7.71 -15.13
N LEU C 128 2.87 -8.38 -14.63
CA LEU C 128 2.34 -8.12 -13.31
C LEU C 128 2.51 -9.40 -12.48
N ILE C 129 3.05 -9.24 -11.27
CA ILE C 129 3.09 -10.33 -10.29
C ILE C 129 2.30 -10.02 -9.01
N ALA C 130 1.52 -10.99 -8.54
CA ALA C 130 0.92 -10.92 -7.22
C ALA C 130 1.48 -12.06 -6.37
N ALA C 131 1.98 -11.73 -5.19
CA ALA C 131 2.67 -12.68 -4.35
C ALA C 131 2.40 -12.47 -2.86
N VAL C 132 2.56 -13.55 -2.10
CA VAL C 132 2.42 -13.58 -0.66
C VAL C 132 3.76 -13.91 0.02
N PHE C 133 4.08 -13.12 1.04
CA PHE C 133 5.21 -13.34 1.91
C PHE C 133 4.79 -13.99 3.23
N THR C 134 5.33 -15.17 3.52
CA THR C 134 5.25 -15.74 4.85
C THR C 134 6.63 -15.52 5.50
N ASP C 135 6.69 -14.72 6.55
CA ASP C 135 7.96 -14.31 7.11
C ASP C 135 8.12 -14.67 8.57
N GLU C 136 9.38 -14.85 8.97
CA GLU C 136 9.74 -14.89 10.38
C GLU C 136 10.76 -13.80 10.64
N TYR C 137 10.65 -13.20 11.82
CA TYR C 137 11.58 -12.15 12.24
C TYR C 137 12.13 -12.53 13.60
N GLU C 138 13.42 -12.25 13.78
CA GLU C 138 14.13 -12.56 15.00
C GLU C 138 14.91 -11.37 15.52
N ARG C 139 14.75 -11.10 16.82
CA ARG C 139 15.50 -10.06 17.49
C ARG C 139 16.65 -10.70 18.25
N ARG C 140 17.88 -10.36 17.84
CA ARG C 140 19.09 -10.76 18.57
C ARG C 140 19.86 -9.53 19.04
N ASP C 141 20.03 -9.44 20.36
CA ASP C 141 20.78 -8.35 20.98
C ASP C 141 20.28 -6.98 20.53
N GLY C 142 18.97 -6.79 20.70
CA GLY C 142 18.30 -5.51 20.41
C GLY C 142 18.14 -5.13 18.95
N VAL C 143 18.40 -6.07 18.03
CA VAL C 143 18.34 -5.80 16.59
C VAL C 143 17.46 -6.83 15.91
N TRP C 144 16.50 -6.33 15.12
CA TRP C 144 15.60 -7.16 14.32
C TRP C 144 16.11 -7.31 12.91
N LYS C 145 16.15 -8.55 12.44
CA LYS C 145 16.36 -8.86 11.03
C LYS C 145 15.42 -10.01 10.61
N PHE C 146 15.38 -10.27 9.30
CA PHE C 146 14.70 -11.44 8.77
C PHE C 146 15.38 -12.73 9.25
N SER C 147 14.64 -13.53 10.00
CA SER C 147 15.04 -14.90 10.29
C SER C 147 14.77 -15.79 9.09
N LYS C 148 13.73 -15.45 8.31
CA LYS C 148 13.29 -16.25 7.15
C LYS C 148 12.22 -15.52 6.32
N ARG C 149 12.19 -15.81 5.02
CA ARG C 149 11.13 -15.32 4.14
C ARG C 149 10.72 -16.40 3.16
N ASN C 150 9.42 -16.60 3.01
CA ASN C 150 8.90 -17.38 1.89
C ASN C 150 8.06 -16.54 0.93
N ALA C 151 8.37 -16.62 -0.35
CA ALA C 151 7.68 -15.85 -1.37
C ALA C 151 6.93 -16.80 -2.30
N CYS C 152 5.61 -16.72 -2.24
CA CYS C 152 4.75 -17.57 -3.05
C CYS C 152 4.00 -16.71 -4.05
N THR C 153 4.17 -17.00 -5.33
CA THR C 153 3.59 -16.16 -6.37
C THR C 153 2.34 -16.73 -7.02
N ASN C 154 1.26 -15.96 -6.91
CA ASN C 154 -0.06 -16.42 -7.24
C ASN C 154 -0.50 -16.02 -8.64
N TYR C 155 -0.06 -14.83 -9.06
CA TYR C 155 -0.26 -14.34 -10.41
C TYR C 155 1.10 -14.00 -10.94
N PHE C 156 1.32 -14.30 -12.21
CA PHE C 156 2.55 -13.95 -12.91
C PHE C 156 2.12 -13.92 -14.35
N THR C 157 1.70 -12.73 -14.80
CA THR C 157 1.05 -12.62 -16.09
C THR C 157 1.57 -11.49 -16.96
N PRO C 158 1.99 -11.81 -18.20
CA PRO C 158 2.34 -10.79 -19.17
C PRO C 158 1.12 -9.99 -19.57
N LEU C 159 1.30 -8.67 -19.70
CA LEU C 159 0.23 -7.75 -20.08
C LEU C 159 0.40 -7.43 -21.56
N ALA C 160 -0.68 -7.65 -22.33
CA ALA C 160 -0.64 -7.83 -23.78
C ALA C 160 -0.10 -6.63 -24.57
N GLY C 161 -1.02 -5.76 -24.99
CA GLY C 161 -0.66 -4.56 -25.74
C GLY C 161 -0.34 -3.42 -24.78
N ILE C 162 0.59 -3.69 -23.86
CA ILE C 162 0.98 -2.75 -22.81
C ILE C 162 2.47 -2.84 -22.58
N HIS C 163 3.14 -1.70 -22.64
CA HIS C 163 4.54 -1.66 -22.27
C HIS C 163 4.86 -0.53 -21.29
N PHE C 164 5.33 -0.91 -20.10
CA PHE C 164 5.77 0.06 -19.10
C PHE C 164 7.04 0.78 -19.58
N ALA C 165 6.97 2.11 -19.64
CA ALA C 165 8.04 2.93 -20.18
C ALA C 165 8.02 4.31 -19.54
N PRO C 166 9.20 4.96 -19.40
CA PRO C 166 9.29 6.38 -18.96
C PRO C 166 8.41 7.31 -19.81
N PRO C 167 7.91 8.39 -19.21
CA PRO C 167 6.90 9.20 -19.93
C PRO C 167 7.38 9.81 -21.27
N GLY C 168 8.68 10.08 -21.39
CA GLY C 168 9.25 10.62 -22.62
C GLY C 168 9.19 9.68 -23.80
N ILE C 169 9.14 8.37 -23.54
CA ILE C 169 9.00 7.34 -24.58
C ILE C 169 7.66 7.44 -25.31
N HIS C 170 6.64 7.97 -24.62
CA HIS C 170 5.32 8.29 -25.21
C HIS C 170 5.45 9.25 -26.39
N PHE C 171 6.31 10.26 -26.26
CA PHE C 171 6.57 11.21 -27.34
C PHE C 171 7.20 10.53 -28.56
N ALA C 172 6.85 11.05 -29.73
CA ALA C 172 7.16 10.45 -31.04
C ALA C 172 7.88 9.07 -31.07
N1 SPD D . -22.55 -3.32 -9.62
C2 SPD D . -22.26 -2.49 -8.46
C3 SPD D . -21.63 -3.31 -7.33
C4 SPD D . -20.32 -3.97 -7.72
C5 SPD D . -19.47 -4.10 -6.47
N6 SPD D . -18.87 -5.41 -6.32
C7 SPD D . -17.43 -5.55 -6.33
C8 SPD D . -16.94 -6.55 -5.31
C9 SPD D . -16.04 -5.84 -4.30
N10 SPD D . -15.45 -6.81 -3.38
C1 GOL E . -15.95 -4.00 0.43
O1 GOL E . -15.75 -4.68 1.63
C2 GOL E . -15.27 -4.72 -0.73
O2 GOL E . -14.02 -5.22 -0.30
C3 GOL E . -15.14 -3.72 -1.87
O3 GOL E . -14.20 -4.19 -2.81
N1 SPD F . 2.65 11.97 -9.19
C2 SPD F . 1.64 12.90 -9.70
C3 SPD F . 1.44 12.78 -11.21
C4 SPD F . 2.74 12.94 -11.99
C5 SPD F . 2.49 13.25 -13.46
N6 SPD F . 3.72 13.19 -14.26
C7 SPD F . 3.73 13.63 -15.65
C8 SPD F . 5.15 13.58 -16.26
C9 SPD F . 5.12 13.67 -17.78
N10 SPD F . 6.39 14.18 -18.27
C1 GOL G . 10.24 20.70 -14.81
O1 GOL G . 10.28 20.20 -16.14
C2 GOL G . 11.36 20.00 -14.05
O2 GOL G . 11.39 18.63 -14.36
C3 GOL G . 11.20 20.15 -12.54
O3 GOL G . 12.03 19.17 -11.92
N1 SPD H . 9.66 -19.82 -11.90
C2 SPD H . 9.99 -18.45 -12.24
C3 SPD H . 9.68 -18.19 -13.72
C4 SPD H . 8.19 -18.35 -14.03
C5 SPD H . 7.87 -17.92 -15.46
N6 SPD H . 6.44 -17.77 -15.66
C7 SPD H . 5.98 -16.90 -16.74
C8 SPD H . 4.96 -17.60 -17.64
C9 SPD H . 3.55 -17.08 -17.39
N10 SPD H . 2.73 -17.36 -18.56
C1 GOL I . 9.10 -12.75 -5.37
O1 GOL I . 8.22 -12.28 -6.38
C2 GOL I . 9.81 -11.60 -4.66
O2 GOL I . 10.45 -10.77 -5.63
C3 GOL I . 10.89 -12.23 -3.77
O3 GOL I . 10.81 -11.86 -2.41
#